data_1XBB
#
_entry.id   1XBB
#
_cell.length_a   39.787
_cell.length_b   85.706
_cell.length_c   89.524
_cell.angle_alpha   90.00
_cell.angle_beta   90.00
_cell.angle_gamma   90.00
#
_symmetry.space_group_name_H-M   'P 21 21 21'
#
loop_
_entity.id
_entity.type
_entity.pdbx_description
1 polymer 'Tyrosine-protein kinase SYK'
2 non-polymer 4-(4-METHYL-PIPERAZIN-1-YLMETHYL)-N-[4-METHYL-3-(4-PYRIDIN-3-YL-PYRIMIDIN-2-YLAMINO)-PHENYL]-BENZAMIDE
3 water water
#
_entity_poly.entity_id   1
_entity_poly.type   'polypeptide(L)'
_entity_poly.pdbx_seq_one_letter_code
;MALEEIRPKEVYLDRKLLTLEDKELGSGNFGTVKKGYYQMKKVVKTVAVKILKNEANDPALKDELLAEANVMQQLDNPYI
VRMIGICEAESWMLVMEMAELGPLNKYLQQNRHVKDKNIIELVHQVSMGMKYLEESNFVHRDLAARNVLLVTQHYAKISD
FGLSKALRADENYYKAQTHGKWPVKWYAPECINYYKFSSKSDVWSFGVLMWEAFSYGQKPYRGMKGSEVTAMLEKGERMG
CPAGCPREMYDLMNLCWTYDVENRPGFAAVELRLRNYYYDVVNEGHHHHHH
;
_entity_poly.pdbx_strand_id   A
#
loop_
_chem_comp.id
_chem_comp.type
_chem_comp.name
_chem_comp.formula
STI non-polymer 4-(4-METHYL-PIPERAZIN-1-YLMETHYL)-N-[4-METHYL-3-(4-PYRIDIN-3-YL-PYRIMIDIN-2-YLAMINO)-PHENYL]-BENZAMIDE 'C29 H31 N7 O'
#
# COMPACT_ATOMS: atom_id res chain seq x y z
N VAL A 11 -1.49 19.80 -13.15
CA VAL A 11 -0.68 19.47 -11.95
C VAL A 11 -0.64 20.59 -10.87
N TYR A 12 -0.46 21.84 -11.30
CA TYR A 12 -0.13 22.89 -10.36
C TYR A 12 -1.35 23.58 -9.79
N LEU A 13 -1.41 23.63 -8.47
CA LEU A 13 -2.57 24.17 -7.76
C LEU A 13 -2.32 25.58 -7.24
N ASP A 14 -3.40 26.29 -6.92
CA ASP A 14 -3.34 27.69 -6.47
C ASP A 14 -3.42 27.74 -4.96
N ARG A 15 -2.37 28.21 -4.30
CA ARG A 15 -2.34 28.24 -2.84
C ARG A 15 -3.57 28.92 -2.23
N LYS A 16 -4.14 29.88 -2.94
CA LYS A 16 -5.25 30.63 -2.39
C LYS A 16 -6.53 29.78 -2.27
N LEU A 17 -6.60 28.72 -3.07
CA LEU A 17 -7.76 27.83 -3.11
C LEU A 17 -7.59 26.67 -2.14
N LEU A 18 -6.44 26.59 -1.47
CA LEU A 18 -6.14 25.55 -0.50
C LEU A 18 -6.23 26.16 0.87
N THR A 19 -7.00 25.54 1.76
CA THR A 19 -7.06 25.91 3.18
C THR A 19 -6.58 24.76 4.03
N LEU A 20 -5.57 24.98 4.86
CA LEU A 20 -5.02 23.92 5.69
C LEU A 20 -5.45 24.05 7.15
N GLU A 21 -5.81 22.91 7.76
CA GLU A 21 -6.08 22.89 9.19
C GLU A 21 -4.78 22.99 10.01
N ASP A 22 -4.89 23.50 11.23
CA ASP A 22 -3.74 23.65 12.13
C ASP A 22 -3.26 22.28 12.64
N LYS A 23 -4.20 21.44 13.07
CA LYS A 23 -3.87 20.09 13.56
C LYS A 23 -3.25 19.25 12.45
N GLU A 24 -2.27 18.41 12.81
CA GLU A 24 -1.64 17.49 11.85
C GLU A 24 -2.20 16.08 11.95
N LEU A 25 -2.18 15.35 10.82
CA LEU A 25 -2.59 13.94 10.81
C LEU A 25 -1.40 13.02 11.10
N GLY A 26 -0.21 13.44 10.68
CA GLY A 26 0.99 12.67 10.90
C GLY A 26 2.25 13.49 10.70
N SER A 27 3.37 12.96 11.18
CA SER A 27 4.67 13.65 11.11
C SER A 27 5.82 12.67 10.89
N GLY A 28 6.91 13.19 10.35
CA GLY A 28 8.14 12.42 10.17
C GLY A 28 9.29 13.30 9.71
N ASN A 29 10.38 12.64 9.29
CA ASN A 29 11.57 13.35 8.79
C ASN A 29 11.28 14.18 7.54
N PHE A 30 10.41 13.67 6.67
CA PHE A 30 10.08 14.35 5.42
C PHE A 30 9.25 15.62 5.63
N GLY A 31 8.41 15.63 6.65
CA GLY A 31 7.58 16.78 6.98
C GLY A 31 6.32 16.32 7.70
N THR A 32 5.16 16.86 7.30
CA THR A 32 3.90 16.53 7.98
C THR A 32 2.81 16.23 6.96
N VAL A 33 1.73 15.62 7.44
CA VAL A 33 0.53 15.41 6.63
C VAL A 33 -0.53 16.21 7.35
N LYS A 34 -1.27 17.03 6.60
CA LYS A 34 -2.37 17.80 7.16
C LYS A 34 -3.67 17.64 6.33
N LYS A 35 -4.79 17.77 7.02
CA LYS A 35 -6.11 17.82 6.39
C LYS A 35 -6.33 19.24 5.88
N GLY A 36 -7.01 19.35 4.74
CA GLY A 36 -7.33 20.65 4.21
C GLY A 36 -8.54 20.61 3.27
N TYR A 37 -8.79 21.76 2.65
CA TYR A 37 -9.82 21.92 1.65
C TYR A 37 -9.27 22.50 0.40
N TYR A 38 -9.74 22.00 -0.73
CA TYR A 38 -9.37 22.59 -2.00
C TYR A 38 -10.62 22.94 -2.78
N GLN A 39 -10.67 24.20 -3.19
CA GLN A 39 -11.78 24.66 -4.01
C GLN A 39 -11.67 24.16 -5.44
N MET A 40 -12.54 23.24 -5.82
CA MET A 40 -12.55 22.63 -7.15
C MET A 40 -13.33 23.54 -8.10
N LYS A 41 -13.64 23.05 -9.31
CA LYS A 41 -14.34 23.89 -10.28
C LYS A 41 -15.67 24.37 -9.71
N LYS A 42 -16.35 23.52 -8.92
CA LYS A 42 -17.56 23.94 -8.25
C LYS A 42 -17.64 23.53 -6.75
N VAL A 43 -17.46 22.23 -6.53
CA VAL A 43 -17.52 21.69 -5.19
C VAL A 43 -16.23 22.03 -4.44
N VAL A 44 -16.30 22.04 -3.12
CA VAL A 44 -15.10 22.04 -2.29
C VAL A 44 -14.74 20.59 -1.97
N LYS A 45 -13.45 20.28 -1.93
CA LYS A 45 -13.01 18.89 -1.79
C LYS A 45 -12.10 18.83 -0.60
N THR A 46 -12.42 17.95 0.34
CA THR A 46 -11.54 17.65 1.45
C THR A 46 -10.31 16.90 0.90
N VAL A 47 -9.14 17.33 1.39
CA VAL A 47 -7.86 16.79 0.91
C VAL A 47 -6.90 16.47 2.05
N ALA A 48 -5.98 15.55 1.77
CA ALA A 48 -4.89 15.26 2.67
C ALA A 48 -3.67 15.86 1.95
N VAL A 49 -2.84 16.58 2.70
CA VAL A 49 -1.77 17.36 2.08
C VAL A 49 -0.43 16.96 2.68
N LYS A 50 0.47 16.43 1.86
CA LYS A 50 1.82 16.10 2.35
C LYS A 50 2.67 17.36 2.18
N ILE A 51 3.18 17.89 3.29
CA ILE A 51 3.90 19.16 3.27
C ILE A 51 5.35 18.88 3.65
N LEU A 52 6.26 19.22 2.75
CA LEU A 52 7.70 18.99 2.97
C LEU A 52 8.34 19.86 4.03
N LYS A 53 9.25 19.25 4.80
CA LYS A 53 10.13 19.99 5.70
C LYS A 53 11.05 20.91 4.90
N PRO A 59 16.94 19.95 -1.05
CA PRO A 59 17.30 19.72 -2.46
C PRO A 59 16.77 18.37 -2.96
N ALA A 60 17.16 17.29 -2.27
CA ALA A 60 16.73 15.93 -2.59
C ALA A 60 15.25 15.70 -2.30
N LEU A 61 14.77 16.27 -1.19
CA LEU A 61 13.39 16.07 -0.74
C LEU A 61 12.36 16.60 -1.74
N LYS A 62 12.64 17.77 -2.31
CA LYS A 62 11.79 18.36 -3.35
C LYS A 62 11.72 17.39 -4.54
N ASP A 63 12.87 16.88 -4.96
CA ASP A 63 12.96 15.98 -6.09
C ASP A 63 12.20 14.68 -5.84
N GLU A 64 12.28 14.18 -4.61
CA GLU A 64 11.54 13.01 -4.19
C GLU A 64 10.01 13.21 -4.26
N LEU A 65 9.55 14.35 -3.75
CA LEU A 65 8.12 14.69 -3.80
C LEU A 65 7.63 14.83 -5.23
N LEU A 66 8.45 15.46 -6.06
CA LEU A 66 8.07 15.71 -7.44
C LEU A 66 8.07 14.39 -8.21
N ALA A 67 9.03 13.52 -7.90
CA ALA A 67 9.04 12.18 -8.48
C ALA A 67 7.78 11.41 -8.07
N GLU A 68 7.41 11.50 -6.78
CA GLU A 68 6.17 10.88 -6.27
C GLU A 68 4.93 11.40 -7.02
N ALA A 69 4.84 12.71 -7.20
CA ALA A 69 3.79 13.34 -7.98
C ALA A 69 3.77 12.87 -9.44
N ASN A 70 4.96 12.73 -10.04
CA ASN A 70 5.05 12.22 -11.40
C ASN A 70 4.43 10.82 -11.53
N VAL A 71 4.68 9.96 -10.57
CA VAL A 71 4.08 8.63 -10.58
C VAL A 71 2.55 8.72 -10.43
N MET A 72 2.07 9.46 -9.42
CA MET A 72 0.62 9.54 -9.15
C MET A 72 -0.16 10.13 -10.32
N GLN A 73 0.46 11.08 -11.03
CA GLN A 73 -0.12 11.66 -12.26
C GLN A 73 -0.55 10.60 -13.28
N GLN A 74 0.18 9.50 -13.32
CA GLN A 74 0.00 8.51 -14.36
C GLN A 74 -0.96 7.40 -13.96
N LEU A 75 -1.40 7.43 -12.70
CA LEU A 75 -2.27 6.39 -12.19
C LEU A 75 -3.71 6.85 -12.05
N ASP A 76 -4.64 6.00 -12.45
CA ASP A 76 -6.05 6.28 -12.24
C ASP A 76 -6.84 4.98 -12.08
N ASN A 77 -7.15 4.69 -10.81
CA ASN A 77 -7.77 3.43 -10.41
C ASN A 77 -8.52 3.71 -9.14
N PRO A 78 -9.70 3.11 -8.96
CA PRO A 78 -10.50 3.31 -7.73
C PRO A 78 -9.79 2.93 -6.42
N TYR A 79 -8.80 2.05 -6.51
CA TYR A 79 -8.14 1.54 -5.31
C TYR A 79 -6.74 2.09 -5.14
N ILE A 80 -6.45 3.22 -5.79
CA ILE A 80 -5.21 3.92 -5.62
C ILE A 80 -5.55 5.35 -5.22
N VAL A 81 -4.90 5.89 -4.21
CA VAL A 81 -5.17 7.29 -3.82
C VAL A 81 -4.87 8.27 -5.00
N ARG A 82 -5.83 9.16 -5.28
CA ARG A 82 -5.73 10.18 -6.33
C ARG A 82 -4.98 11.42 -5.89
N MET A 83 -4.06 11.87 -6.72
CA MET A 83 -3.42 13.18 -6.52
C MET A 83 -4.27 14.28 -7.15
N ILE A 84 -4.57 15.30 -6.36
CA ILE A 84 -5.18 16.51 -6.92
C ILE A 84 -4.14 17.35 -7.66
N GLY A 85 -3.02 17.61 -7.01
CA GLY A 85 -1.93 18.28 -7.68
C GLY A 85 -0.87 18.65 -6.70
N ILE A 86 0.00 19.56 -7.14
CA ILE A 86 1.10 19.99 -6.29
C ILE A 86 1.06 21.50 -6.20
N CYS A 87 1.64 22.05 -5.13
CA CYS A 87 1.67 23.51 -4.93
C CYS A 87 2.99 23.90 -4.29
N GLU A 88 3.66 24.94 -4.80
CA GLU A 88 4.88 25.45 -4.20
C GLU A 88 4.55 26.72 -3.47
N ALA A 89 4.43 26.61 -2.18
CA ALA A 89 4.16 27.79 -1.38
C ALA A 89 5.18 27.89 -0.26
N GLU A 90 4.70 27.99 0.98
CA GLU A 90 5.54 27.98 2.17
C GLU A 90 6.54 26.86 2.12
N SER A 91 6.07 25.70 1.67
CA SER A 91 6.85 24.48 1.43
C SER A 91 6.25 23.89 0.14
N TRP A 92 6.96 22.93 -0.47
CA TRP A 92 6.36 22.09 -1.53
C TRP A 92 5.28 21.19 -0.91
N MET A 93 4.13 21.11 -1.57
CA MET A 93 2.98 20.36 -1.05
C MET A 93 2.42 19.42 -2.13
N LEU A 94 2.05 18.21 -1.68
CA LEU A 94 1.38 17.23 -2.52
C LEU A 94 -0.02 17.04 -1.97
N VAL A 95 -0.98 17.37 -2.82
CA VAL A 95 -2.38 17.45 -2.39
C VAL A 95 -3.11 16.25 -2.98
N MET A 96 -3.72 15.46 -2.10
CA MET A 96 -4.36 14.19 -2.47
C MET A 96 -5.80 14.16 -1.97
N GLU A 97 -6.54 13.25 -2.54
CA GLU A 97 -7.88 13.01 -2.00
C GLU A 97 -7.73 12.47 -0.59
N MET A 98 -8.74 12.68 0.24
CA MET A 98 -8.71 12.26 1.65
C MET A 98 -9.33 10.88 1.81
N ALA A 99 -8.70 10.05 2.64
CA ALA A 99 -9.26 8.75 3.05
C ALA A 99 -9.43 8.91 4.56
N GLU A 100 -10.68 9.20 4.94
CA GLU A 100 -10.96 9.67 6.29
C GLU A 100 -10.63 8.71 7.41
N LEU A 101 -10.73 7.41 7.14
CA LEU A 101 -10.51 6.46 8.22
C LEU A 101 -9.02 6.15 8.45
N GLY A 102 -8.13 6.66 7.60
CA GLY A 102 -6.70 6.49 7.84
C GLY A 102 -6.10 5.13 7.53
N PRO A 103 -4.86 4.93 7.96
CA PRO A 103 -4.11 3.70 7.66
C PRO A 103 -4.78 2.46 8.17
N LEU A 104 -4.74 1.42 7.35
CA LEU A 104 -5.40 0.14 7.65
C LEU A 104 -4.92 -0.53 8.94
N ASN A 105 -3.64 -0.52 9.19
CA ASN A 105 -3.13 -1.22 10.36
C ASN A 105 -3.65 -0.60 11.65
N LYS A 106 -3.60 0.75 11.74
CA LYS A 106 -4.13 1.47 12.89
C LYS A 106 -5.64 1.26 13.03
N TYR A 107 -6.37 1.30 11.92
CA TYR A 107 -7.81 1.07 11.97
C TYR A 107 -8.11 -0.28 12.58
N LEU A 108 -7.44 -1.32 12.10
CA LEU A 108 -7.79 -2.66 12.58
C LEU A 108 -7.38 -2.86 14.03
N GLN A 109 -6.26 -2.27 14.41
CA GLN A 109 -5.84 -2.29 15.81
C GLN A 109 -6.95 -1.76 16.70
N GLN A 110 -7.67 -0.76 16.20
CA GLN A 110 -8.68 -0.08 17.03
C GLN A 110 -10.08 -0.62 16.84
N ASN A 111 -10.26 -1.54 15.90
CA ASN A 111 -11.56 -2.04 15.56
C ASN A 111 -11.51 -3.55 15.38
N ARG A 112 -11.23 -4.23 16.49
CA ARG A 112 -11.05 -5.68 16.46
C ARG A 112 -12.32 -6.47 16.10
N HIS A 113 -13.47 -5.79 16.11
CA HIS A 113 -14.74 -6.44 15.76
C HIS A 113 -14.91 -6.63 14.26
N VAL A 114 -14.03 -6.00 13.47
CA VAL A 114 -14.09 -6.15 12.02
C VAL A 114 -13.99 -7.62 11.66
N LYS A 115 -14.89 -8.06 10.81
CA LYS A 115 -15.07 -9.47 10.57
C LYS A 115 -14.14 -9.96 9.47
N ASP A 116 -13.84 -11.26 9.47
CA ASP A 116 -13.04 -11.83 8.40
C ASP A 116 -13.51 -11.49 6.98
N LYS A 117 -14.82 -11.54 6.74
CA LYS A 117 -15.36 -11.24 5.40
C LYS A 117 -14.96 -9.81 4.96
N ASN A 118 -15.02 -8.89 5.91
CA ASN A 118 -14.68 -7.48 5.69
C ASN A 118 -13.19 -7.32 5.44
N ILE A 119 -12.38 -8.11 6.14
CA ILE A 119 -10.94 -8.08 5.85
C ILE A 119 -10.63 -8.61 4.47
N ILE A 120 -11.27 -9.70 4.05
CA ILE A 120 -11.11 -10.25 2.71
C ILE A 120 -11.46 -9.19 1.66
N GLU A 121 -12.59 -8.51 1.88
CA GLU A 121 -13.06 -7.46 0.97
C GLU A 121 -11.99 -6.40 0.77
N LEU A 122 -11.37 -5.97 1.87
CA LEU A 122 -10.38 -4.88 1.83
C LEU A 122 -9.10 -5.31 1.13
N VAL A 123 -8.61 -6.49 1.49
CA VAL A 123 -7.39 -7.00 0.85
C VAL A 123 -7.62 -7.33 -0.62
N HIS A 124 -8.84 -7.72 -0.97
CA HIS A 124 -9.17 -7.97 -2.35
C HIS A 124 -9.10 -6.63 -3.14
N GLN A 125 -9.61 -5.55 -2.55
CA GLN A 125 -9.53 -4.23 -3.18
C GLN A 125 -8.09 -3.85 -3.39
N VAL A 126 -7.25 -4.07 -2.38
CA VAL A 126 -5.83 -3.79 -2.58
C VAL A 126 -5.29 -4.63 -3.75
N SER A 127 -5.66 -5.91 -3.85
CA SER A 127 -5.16 -6.72 -4.97
C SER A 127 -5.66 -6.19 -6.32
N MET A 128 -6.84 -5.60 -6.32
CA MET A 128 -7.30 -4.95 -7.56
C MET A 128 -6.47 -3.73 -7.89
N GLY A 129 -6.14 -2.90 -6.92
CA GLY A 129 -5.27 -1.77 -7.24
C GLY A 129 -3.89 -2.21 -7.72
N MET A 130 -3.38 -3.29 -7.10
CA MET A 130 -2.04 -3.76 -7.44
C MET A 130 -2.05 -4.49 -8.82
N LYS A 131 -3.16 -5.15 -9.18
CA LYS A 131 -3.30 -5.76 -10.54
C LYS A 131 -3.21 -4.65 -11.57
N TYR A 132 -3.84 -3.51 -11.28
CA TYR A 132 -3.71 -2.32 -12.13
C TYR A 132 -2.29 -1.74 -12.17
N LEU A 133 -1.64 -1.65 -11.02
CA LEU A 133 -0.32 -1.10 -10.98
C LEU A 133 0.66 -2.02 -11.80
N GLU A 134 0.47 -3.33 -11.68
CA GLU A 134 1.27 -4.30 -12.38
C GLU A 134 1.02 -4.12 -13.90
N GLU A 135 -0.25 -4.02 -14.30
CA GLU A 135 -0.60 -3.80 -15.71
C GLU A 135 0.08 -2.50 -16.21
N SER A 136 0.18 -1.50 -15.32
CA SER A 136 0.78 -0.18 -15.64
C SER A 136 2.32 -0.21 -15.60
N ASN A 137 2.87 -1.33 -15.14
CA ASN A 137 4.30 -1.52 -15.02
C ASN A 137 5.00 -0.51 -14.15
N PHE A 138 4.38 -0.29 -12.99
CA PHE A 138 5.01 0.45 -11.89
C PHE A 138 5.21 -0.54 -10.76
N VAL A 139 6.34 -0.40 -10.08
CA VAL A 139 6.56 -1.20 -8.84
C VAL A 139 6.37 -0.27 -7.65
N HIS A 140 5.62 -0.71 -6.66
CA HIS A 140 5.29 0.18 -5.54
C HIS A 140 6.50 0.33 -4.59
N ARG A 141 7.05 -0.83 -4.18
CA ARG A 141 8.26 -0.92 -3.33
C ARG A 141 8.05 -0.58 -1.86
N ASP A 142 6.81 -0.32 -1.46
CA ASP A 142 6.58 -0.06 -0.02
C ASP A 142 5.17 -0.51 0.35
N LEU A 143 4.75 -1.66 -0.18
CA LEU A 143 3.38 -2.14 0.02
C LEU A 143 3.26 -2.81 1.37
N ALA A 144 2.58 -2.16 2.28
CA ALA A 144 2.48 -2.55 3.66
C ALA A 144 1.14 -2.08 4.15
N ALA A 145 0.63 -2.69 5.22
CA ALA A 145 -0.69 -2.26 5.70
C ALA A 145 -0.76 -0.78 6.08
N ARG A 146 0.35 -0.19 6.56
CA ARG A 146 0.38 1.23 6.89
C ARG A 146 0.14 2.16 5.71
N ASN A 147 0.38 1.64 4.51
CA ASN A 147 0.17 2.39 3.27
C ASN A 147 -1.14 2.07 2.54
N VAL A 148 -2.02 1.32 3.17
CA VAL A 148 -3.39 1.17 2.70
C VAL A 148 -4.25 2.10 3.54
N LEU A 149 -5.01 2.97 2.88
CA LEU A 149 -5.86 3.93 3.60
C LEU A 149 -7.30 3.63 3.36
N LEU A 150 -8.11 3.84 4.39
CA LEU A 150 -9.53 3.52 4.32
C LEU A 150 -10.39 4.74 4.07
N VAL A 151 -11.16 4.69 2.98
CA VAL A 151 -12.15 5.73 2.66
C VAL A 151 -13.38 5.44 3.52
N THR A 152 -13.78 4.15 3.57
CA THR A 152 -14.79 3.68 4.53
C THR A 152 -14.29 2.38 5.06
N GLN A 153 -15.03 1.81 5.99
CA GLN A 153 -14.70 0.49 6.51
C GLN A 153 -14.75 -0.59 5.41
N HIS A 154 -15.30 -0.26 4.24
CA HIS A 154 -15.45 -1.18 3.10
C HIS A 154 -14.83 -0.67 1.81
N TYR A 155 -13.86 0.24 1.93
CA TYR A 155 -13.23 0.80 0.74
C TYR A 155 -11.79 1.20 1.03
N ALA A 156 -10.84 0.39 0.53
CA ALA A 156 -9.40 0.60 0.76
C ALA A 156 -8.77 1.18 -0.53
N LYS A 157 -7.77 2.05 -0.30
CA LYS A 157 -6.93 2.61 -1.37
C LYS A 157 -5.43 2.47 -1.05
N ILE A 158 -4.60 2.21 -2.06
CA ILE A 158 -3.16 2.13 -1.86
C ILE A 158 -2.56 3.55 -1.93
N SER A 159 -1.67 3.84 -1.02
CA SER A 159 -1.03 5.15 -0.90
C SER A 159 0.47 4.99 -0.86
N ASP A 160 1.14 6.13 -0.83
CA ASP A 160 2.59 6.23 -0.58
C ASP A 160 3.46 5.68 -1.67
N PHE A 161 3.60 6.50 -2.70
CA PHE A 161 4.37 6.13 -3.88
C PHE A 161 5.78 6.74 -3.93
N GLY A 162 6.27 7.16 -2.76
CA GLY A 162 7.60 7.70 -2.66
C GLY A 162 8.78 6.84 -3.08
N LEU A 163 8.65 5.51 -2.97
CA LEU A 163 9.71 4.57 -3.39
C LEU A 163 9.38 3.93 -4.73
N SER A 164 8.27 4.32 -5.31
CA SER A 164 7.76 3.65 -6.53
C SER A 164 8.61 3.97 -7.77
N LYS A 165 8.66 3.02 -8.69
CA LYS A 165 9.43 3.19 -9.92
C LYS A 165 8.67 2.74 -11.13
N ALA A 166 8.79 3.52 -12.20
CA ALA A 166 8.28 3.14 -13.51
C ALA A 166 9.31 2.21 -14.14
N LEU A 167 8.86 1.01 -14.53
CA LEU A 167 9.76 0.02 -15.12
C LEU A 167 10.19 0.43 -16.52
N ARG A 168 11.43 0.11 -16.84
CA ARG A 168 11.92 0.26 -18.23
C ARG A 168 11.14 -0.58 -19.18
N ALA A 169 11.04 -0.10 -20.42
CA ALA A 169 10.32 -0.82 -21.45
C ALA A 169 10.85 -2.20 -21.71
N ASP A 170 12.13 -2.40 -21.41
CA ASP A 170 12.77 -3.67 -21.76
C ASP A 170 13.02 -4.61 -20.59
N GLU A 171 12.58 -4.23 -19.38
CA GLU A 171 12.81 -5.07 -18.20
C GLU A 171 11.61 -5.10 -17.29
N ASN A 172 11.42 -6.20 -16.56
CA ASN A 172 10.32 -6.28 -15.61
C ASN A 172 10.75 -6.03 -14.17
N TYR A 173 11.96 -5.51 -13.98
CA TYR A 173 12.41 -5.16 -12.63
C TYR A 173 13.19 -3.88 -12.64
N TYR A 174 13.24 -3.27 -11.48
CA TYR A 174 14.09 -2.13 -11.16
C TYR A 174 15.23 -2.60 -10.28
N LYS A 175 16.45 -2.25 -10.68
CA LYS A 175 17.62 -2.65 -9.91
C LYS A 175 18.10 -1.49 -9.05
N ALA A 176 18.01 -1.63 -7.74
CA ALA A 176 18.51 -0.59 -6.84
C ALA A 176 20.04 -0.60 -6.75
N LYS A 181 16.51 3.96 4.62
CA LYS A 181 16.62 2.50 4.80
C LYS A 181 15.53 1.75 4.03
N TRP A 182 15.57 0.42 4.12
CA TRP A 182 14.60 -0.44 3.42
C TRP A 182 13.67 -1.14 4.42
N PRO A 183 12.38 -1.21 4.12
CA PRO A 183 11.42 -1.94 4.97
C PRO A 183 11.59 -3.45 4.77
N VAL A 184 12.71 -3.97 5.28
CA VAL A 184 13.18 -5.33 5.04
C VAL A 184 12.13 -6.43 5.33
N LYS A 185 11.32 -6.22 6.36
CA LYS A 185 10.32 -7.23 6.72
C LYS A 185 9.23 -7.41 5.68
N TRP A 186 9.14 -6.47 4.75
CA TRP A 186 8.17 -6.60 3.65
C TRP A 186 8.85 -6.97 2.32
N TYR A 187 10.17 -7.13 2.37
CA TYR A 187 10.91 -7.34 1.13
C TYR A 187 11.10 -8.81 0.74
N ALA A 188 10.90 -9.12 -0.54
CA ALA A 188 11.20 -10.44 -1.09
C ALA A 188 12.69 -10.74 -1.05
N PRO A 189 13.04 -12.02 -0.96
CA PRO A 189 14.47 -12.39 -0.85
C PRO A 189 15.32 -11.82 -2.01
N GLU A 190 14.77 -11.73 -3.21
CA GLU A 190 15.57 -11.20 -4.32
C GLU A 190 15.82 -9.71 -4.19
N CYS A 191 15.02 -9.04 -3.37
CA CYS A 191 15.26 -7.61 -3.15
C CYS A 191 16.49 -7.48 -2.28
N ILE A 192 16.62 -8.41 -1.34
CA ILE A 192 17.76 -8.37 -0.45
C ILE A 192 18.99 -8.95 -1.16
N ASN A 193 18.82 -10.05 -1.90
CA ASN A 193 19.98 -10.78 -2.49
C ASN A 193 20.54 -10.18 -3.75
N TYR A 194 19.68 -9.51 -4.49
CA TYR A 194 20.01 -9.07 -5.84
C TYR A 194 19.56 -7.65 -6.15
N TYR A 195 18.88 -7.01 -5.17
CA TYR A 195 18.47 -5.59 -5.32
C TYR A 195 17.45 -5.43 -6.46
N LYS A 196 16.69 -6.50 -6.75
CA LYS A 196 15.76 -6.50 -7.85
C LYS A 196 14.35 -6.31 -7.32
N PHE A 197 13.64 -5.28 -7.80
CA PHE A 197 12.25 -5.03 -7.42
C PHE A 197 11.34 -5.16 -8.61
N SER A 198 10.28 -5.93 -8.49
CA SER A 198 9.39 -6.22 -9.61
C SER A 198 7.96 -6.29 -9.09
N SER A 199 6.98 -6.46 -9.97
CA SER A 199 5.62 -6.68 -9.47
C SER A 199 5.60 -7.93 -8.57
N LYS A 200 6.46 -8.90 -8.89
CA LYS A 200 6.53 -10.11 -8.07
C LYS A 200 7.05 -9.80 -6.68
N SER A 201 8.02 -8.89 -6.52
CA SER A 201 8.39 -8.52 -5.15
C SER A 201 7.26 -7.78 -4.48
N ASP A 202 6.50 -6.95 -5.19
CA ASP A 202 5.32 -6.35 -4.58
C ASP A 202 4.31 -7.46 -4.11
N VAL A 203 4.15 -8.56 -4.87
CA VAL A 203 3.31 -9.70 -4.42
C VAL A 203 3.82 -10.25 -3.08
N TRP A 204 5.14 -10.39 -2.91
CA TRP A 204 5.68 -10.84 -1.63
C TRP A 204 5.24 -9.88 -0.51
N SER A 205 5.41 -8.58 -0.74
CA SER A 205 5.00 -7.58 0.22
C SER A 205 3.49 -7.67 0.51
N PHE A 206 2.70 -7.85 -0.53
CA PHE A 206 1.26 -8.06 -0.38
C PHE A 206 0.94 -9.25 0.55
N GLY A 207 1.72 -10.34 0.50
CA GLY A 207 1.52 -11.47 1.43
C GLY A 207 1.73 -10.99 2.88
N VAL A 208 2.77 -10.19 3.14
CA VAL A 208 3.01 -9.59 4.44
C VAL A 208 1.85 -8.67 4.83
N LEU A 209 1.40 -7.84 3.86
CA LEU A 209 0.23 -7.02 4.11
C LEU A 209 -1.02 -7.83 4.53
N MET A 210 -1.26 -8.93 3.83
CA MET A 210 -2.39 -9.82 4.21
C MET A 210 -2.23 -10.32 5.65
N TRP A 211 -1.04 -10.79 5.96
CA TRP A 211 -0.75 -11.24 7.31
C TRP A 211 -1.10 -10.14 8.32
N GLU A 212 -0.62 -8.92 8.09
CA GLU A 212 -0.87 -7.81 8.98
C GLU A 212 -2.36 -7.55 9.13
N ALA A 213 -3.11 -7.62 8.05
CA ALA A 213 -4.55 -7.33 8.11
C ALA A 213 -5.29 -8.39 8.91
N PHE A 214 -4.97 -9.65 8.65
CA PHE A 214 -5.66 -10.76 9.37
C PHE A 214 -5.15 -10.85 10.81
N SER A 215 -4.04 -10.19 11.09
CA SER A 215 -3.56 -10.02 12.47
C SER A 215 -3.99 -8.70 13.14
N TYR A 216 -5.05 -8.07 12.59
CA TYR A 216 -5.55 -6.81 13.07
C TYR A 216 -4.48 -5.77 13.33
N GLY A 217 -3.59 -5.64 12.34
CA GLY A 217 -2.61 -4.58 12.40
C GLY A 217 -1.35 -4.80 13.21
N GLN A 218 -1.12 -6.04 13.63
CA GLN A 218 0.11 -6.35 14.35
C GLN A 218 1.29 -6.22 13.38
N LYS A 219 2.45 -5.82 13.89
CA LYS A 219 3.65 -5.76 13.06
C LYS A 219 4.14 -7.18 12.71
N PRO A 220 4.67 -7.40 11.51
CA PRO A 220 5.16 -8.75 11.16
C PRO A 220 6.51 -9.06 11.77
N TYR A 221 6.78 -10.36 11.88
CA TYR A 221 8.03 -10.83 12.48
C TYR A 221 8.35 -10.16 13.83
N ARG A 222 7.39 -10.17 14.76
CA ARG A 222 7.52 -9.55 16.07
C ARG A 222 8.80 -9.99 16.76
N GLY A 223 9.51 -9.04 17.34
CA GLY A 223 10.68 -9.36 18.13
C GLY A 223 11.93 -9.73 17.36
N MET A 224 11.87 -9.68 16.03
CA MET A 224 12.99 -10.13 15.20
C MET A 224 13.70 -8.95 14.52
N LYS A 225 15.01 -9.07 14.43
CA LYS A 225 15.80 -8.13 13.66
C LYS A 225 15.63 -8.50 12.19
N GLY A 226 15.74 -7.51 11.31
CA GLY A 226 15.75 -7.77 9.87
C GLY A 226 16.65 -8.92 9.42
N SER A 227 17.88 -8.95 9.93
CA SER A 227 18.79 -10.02 9.61
C SER A 227 18.29 -11.42 10.06
N GLU A 228 17.54 -11.49 11.16
CA GLU A 228 16.97 -12.76 11.56
C GLU A 228 15.80 -13.17 10.67
N VAL A 229 15.06 -12.19 10.16
CA VAL A 229 13.97 -12.47 9.25
C VAL A 229 14.56 -13.01 7.94
N THR A 230 15.62 -12.40 7.44
CA THR A 230 16.25 -12.95 6.24
C THR A 230 16.74 -14.37 6.45
N ALA A 231 17.35 -14.66 7.59
CA ALA A 231 17.78 -16.03 7.88
C ALA A 231 16.60 -17.00 7.95
N MET A 232 15.51 -16.56 8.59
CA MET A 232 14.33 -17.42 8.75
C MET A 232 13.79 -17.81 7.36
N LEU A 233 13.67 -16.79 6.52
CA LEU A 233 13.12 -16.96 5.21
C LEU A 233 13.95 -17.87 4.28
N GLU A 234 15.26 -17.73 4.39
CA GLU A 234 16.20 -18.51 3.57
C GLU A 234 16.05 -20.02 3.89
N LYS A 235 15.78 -20.32 5.18
CA LYS A 235 15.49 -21.68 5.66
C LYS A 235 14.07 -22.18 5.30
N GLY A 236 13.31 -21.39 4.55
CA GLY A 236 11.98 -21.81 4.14
C GLY A 236 10.92 -21.64 5.19
N GLU A 237 11.28 -20.99 6.27
CA GLU A 237 10.33 -20.74 7.36
C GLU A 237 9.49 -19.48 7.18
N ARG A 238 8.28 -19.51 7.71
CA ARG A 238 7.29 -18.45 7.45
C ARG A 238 6.47 -18.21 8.68
N MET A 239 5.93 -17.01 8.81
CA MET A 239 5.03 -16.69 9.90
C MET A 239 3.88 -17.67 9.83
N GLY A 240 3.39 -18.01 11.02
CA GLY A 240 2.24 -18.88 11.17
C GLY A 240 0.94 -18.16 10.89
N CYS A 241 -0.14 -18.92 10.85
CA CYS A 241 -1.45 -18.46 10.52
C CYS A 241 -2.07 -17.61 11.63
N PRO A 242 -2.49 -16.40 11.33
CA PRO A 242 -3.06 -15.55 12.38
C PRO A 242 -4.31 -16.22 13.02
N ALA A 243 -4.52 -15.99 14.31
CA ALA A 243 -5.73 -16.46 14.99
C ALA A 243 -6.96 -16.06 14.18
N GLY A 244 -7.82 -17.03 13.88
CA GLY A 244 -9.07 -16.78 13.17
C GLY A 244 -8.96 -16.52 11.69
N CYS A 245 -7.74 -16.56 11.16
CA CYS A 245 -7.60 -16.28 9.76
C CYS A 245 -8.03 -17.51 8.96
N PRO A 246 -8.89 -17.34 7.95
CA PRO A 246 -9.29 -18.47 7.10
C PRO A 246 -8.07 -19.16 6.51
N ARG A 247 -8.06 -20.49 6.54
CA ARG A 247 -6.96 -21.25 5.97
C ARG A 247 -6.64 -20.88 4.52
N GLU A 248 -7.70 -20.60 3.73
CA GLU A 248 -7.59 -20.17 2.32
C GLU A 248 -6.73 -18.93 2.17
N MET A 249 -6.92 -17.98 3.07
CA MET A 249 -6.17 -16.72 3.03
C MET A 249 -4.73 -16.95 3.51
N TYR A 250 -4.55 -17.83 4.50
CA TYR A 250 -3.19 -18.14 4.92
C TYR A 250 -2.43 -18.86 3.80
N ASP A 251 -3.13 -19.73 3.07
CA ASP A 251 -2.51 -20.41 1.95
C ASP A 251 -2.09 -19.41 0.88
N LEU A 252 -2.93 -18.40 0.66
CA LEU A 252 -2.61 -17.34 -0.30
C LEU A 252 -1.38 -16.56 0.18
N MET A 253 -1.27 -16.23 1.46
CA MET A 253 -0.03 -15.60 1.97
C MET A 253 1.17 -16.44 1.66
N ASN A 254 1.08 -17.75 1.93
CA ASN A 254 2.20 -18.62 1.60
C ASN A 254 2.58 -18.65 0.13
N LEU A 255 1.56 -18.61 -0.72
CA LEU A 255 1.75 -18.54 -2.17
C LEU A 255 2.48 -17.24 -2.52
N CYS A 256 2.10 -16.13 -1.89
CA CYS A 256 2.77 -14.88 -2.18
C CYS A 256 4.21 -14.95 -1.71
N TRP A 257 4.45 -15.68 -0.63
CA TRP A 257 5.81 -15.91 -0.12
C TRP A 257 6.58 -17.07 -0.78
N THR A 258 6.34 -17.25 -2.06
CA THR A 258 7.12 -18.18 -2.87
C THR A 258 8.52 -17.61 -3.11
N TYR A 259 9.56 -18.33 -2.68
CA TYR A 259 10.95 -17.84 -2.78
C TYR A 259 11.35 -17.65 -4.26
N ASP A 260 10.95 -18.59 -5.12
CA ASP A 260 11.24 -18.53 -6.56
C ASP A 260 10.35 -17.50 -7.23
N VAL A 261 10.98 -16.51 -7.85
CA VAL A 261 10.30 -15.37 -8.46
C VAL A 261 9.43 -15.82 -9.60
N GLU A 262 9.93 -16.74 -10.42
CA GLU A 262 9.19 -17.20 -11.59
C GLU A 262 7.93 -17.93 -11.19
N ASN A 263 8.04 -18.75 -10.15
CA ASN A 263 6.88 -19.50 -9.69
C ASN A 263 5.93 -18.68 -8.80
N ARG A 264 6.39 -17.54 -8.27
CA ARG A 264 5.50 -16.74 -7.41
C ARG A 264 4.42 -16.19 -8.32
N PRO A 265 3.17 -16.14 -7.88
CA PRO A 265 2.08 -15.59 -8.70
C PRO A 265 2.29 -14.08 -8.94
N GLY A 266 1.82 -13.57 -10.09
CA GLY A 266 1.65 -12.14 -10.23
C GLY A 266 0.29 -11.74 -9.68
N PHE A 267 -0.03 -10.45 -9.80
CA PHE A 267 -1.25 -9.93 -9.19
C PHE A 267 -2.52 -10.33 -9.90
N ALA A 268 -2.45 -10.60 -11.22
CA ALA A 268 -3.64 -11.18 -11.85
C ALA A 268 -4.07 -12.47 -11.18
N ALA A 269 -3.12 -13.38 -10.91
CA ALA A 269 -3.46 -14.65 -10.27
C ALA A 269 -3.91 -14.45 -8.82
N VAL A 270 -3.23 -13.54 -8.10
CA VAL A 270 -3.54 -13.25 -6.71
C VAL A 270 -4.95 -12.66 -6.60
N GLU A 271 -5.25 -11.69 -7.46
CA GLU A 271 -6.52 -11.00 -7.42
C GLU A 271 -7.66 -11.99 -7.71
N LEU A 272 -7.41 -12.92 -8.63
CA LEU A 272 -8.46 -13.89 -9.00
C LEU A 272 -8.79 -14.86 -7.87
N ARG A 273 -7.75 -15.37 -7.21
CA ARG A 273 -7.92 -16.18 -6.01
C ARG A 273 -8.73 -15.46 -4.95
N LEU A 274 -8.42 -14.19 -4.71
CA LEU A 274 -9.08 -13.46 -3.65
C LEU A 274 -10.50 -13.17 -4.02
N ARG A 275 -10.69 -12.88 -5.30
CA ARG A 275 -12.00 -12.49 -5.82
C ARG A 275 -12.93 -13.68 -5.60
N ASN A 276 -12.48 -14.83 -6.04
CA ASN A 276 -13.28 -16.05 -5.91
C ASN A 276 -13.55 -16.45 -4.48
N TYR A 277 -12.55 -16.33 -3.61
CA TYR A 277 -12.79 -16.65 -2.21
C TYR A 277 -13.78 -15.67 -1.59
N TYR A 278 -13.65 -14.41 -1.95
CA TYR A 278 -14.56 -13.40 -1.41
C TYR A 278 -16.00 -13.70 -1.84
N TYR A 279 -16.20 -14.09 -3.10
CA TYR A 279 -17.52 -14.56 -3.54
C TYR A 279 -18.05 -15.75 -2.75
N ASP A 280 -17.18 -16.71 -2.42
CA ASP A 280 -17.56 -17.88 -1.60
C ASP A 280 -18.08 -17.44 -0.25
N VAL A 281 -17.40 -16.48 0.35
CA VAL A 281 -17.77 -16.01 1.67
C VAL A 281 -19.06 -15.17 1.58
N VAL A 282 -19.22 -14.41 0.50
CA VAL A 282 -20.45 -13.63 0.30
C VAL A 282 -21.62 -14.65 0.22
N ASN A 283 -21.46 -15.72 -0.57
CA ASN A 283 -22.44 -16.84 -0.65
C ASN A 283 -22.77 -17.48 0.69
N GLU A 284 -21.75 -17.84 1.45
CA GLU A 284 -21.94 -18.37 2.80
C GLU A 284 -22.84 -17.46 3.62
N GLY A 285 -22.60 -16.14 3.54
CA GLY A 285 -23.35 -15.16 4.31
C GLY A 285 -24.83 -15.13 3.95
N HIS A 286 -25.13 -15.27 2.65
CA HIS A 286 -26.50 -15.35 2.16
C HIS A 286 -27.21 -16.65 2.61
N HIS A 287 -26.42 -17.67 2.94
CA HIS A 287 -26.95 -18.96 3.38
C HIS A 287 -27.30 -19.00 4.87
C1 STI B . 0.54 9.95 3.46
C6 STI B . -0.84 10.03 3.71
C5 STI B . -1.71 10.16 2.63
C4 STI B . -1.19 10.17 1.33
N3 STI B . 0.14 10.09 1.11
C2 STI B . 1.00 10.00 2.14
C7 STI B . -3.09 10.25 2.83
C12 STI B . -3.99 10.37 1.74
C11 STI B . -5.35 10.42 2.02
N10 STI B . -5.77 10.32 3.34
C9 STI B . -4.90 10.26 4.36
N8 STI B . -3.57 10.20 4.12
N13 STI B . -5.45 10.18 5.62
C14 STI B . -4.81 10.06 6.83
C19 STI B . -5.65 10.05 7.95
C18 STI B . -5.10 9.92 9.23
C17 STI B . -3.72 9.81 9.38
C16 STI B . -2.87 9.81 8.27
C15 STI B . -3.41 9.94 6.98
N21 STI B . -1.55 9.68 8.60
C22 STI B . -0.46 9.72 7.83
C23 STI B . 0.88 9.26 8.35
C25 STI B . 2.02 9.96 7.97
C26 STI B . 3.28 9.57 8.42
C27 STI B . 3.40 8.48 9.27
C28 STI B . 2.26 7.77 9.66
C29 STI B . 1.00 8.16 9.21
C46 STI B . 4.80 8.09 9.73
N48 STI B . 4.89 7.45 11.03
C53 STI B . 4.91 5.98 11.09
C52 STI B . 3.89 5.53 12.15
N51 STI B . 4.20 6.33 13.33
C54 STI B . 4.67 5.69 14.55
C50 STI B . 4.04 7.78 13.29
C49 STI B . 5.03 8.27 12.23
O29 STI B . -0.49 10.19 6.70
C20 STI B . -7.15 10.17 7.82
#